data_6TYD
#
_entry.id   6TYD
#
_cell.length_a   104.322
_cell.length_b   104.322
_cell.length_c   250.419
_cell.angle_alpha   90.000
_cell.angle_beta   90.000
_cell.angle_gamma   120.000
#
_symmetry.space_group_name_H-M   'P 65 2 2'
#
loop_
_entity.id
_entity.type
_entity.pdbx_description
1 polymer 'LIM domain-binding protein 1'
2 polymer 'Single-stranded DNA-binding protein 2'
#
loop_
_entity_poly.entity_id
_entity_poly.type
_entity_poly.pdbx_seq_one_letter_code
_entity_poly.pdbx_strand_id
1 'polypeptide(L)'
;GGIGRHTPYGNQTDYRIFELNKRLQNWTEECDNLWWDAFTTEFFEDDA(MSE)LTITFCLEDGPKRYTIGRTLIPRYFRS
IFEGGATELYYVLKHPKEAFHSNFVSLDCDQGS(MSE)VTQHGKP(MSE)FTQVCVEGRLYLEF(MSE)FDD(MSE)
(MSE)RIKTWHFSIRQHRELIPRSILA(MSE)HAQDPQ(MSE)LDQLSKNITRCGLSNSTLNYLRLCVILEP(MSE)QEL
(MSE)SRHKTYSLSPRDCLKTCLFQKWQR(MSE)VAPP
;
V
2 'polypeptide(L)'
;GMYGKGKSNSSAVPSDSQAREKLALYVYEYLLHVGAQKSAQTFLSEIRWEKNITLGEPPGFLHSWWCVFWDLYCAAPERR
ETCEHSSEAKAFHDY
;
A,B
#
# COMPACT_ATOMS: atom_id res chain seq x y z
N GLY A 10 13.34 -22.76 22.54
CA GLY A 10 12.29 -22.75 21.53
C GLY A 10 12.79 -23.19 20.18
N ASN A 11 13.25 -24.44 20.11
CA ASN A 11 14.17 -24.87 19.05
C ASN A 11 13.56 -24.89 17.65
N GLN A 12 12.25 -25.07 17.49
CA GLN A 12 11.73 -25.17 16.13
C GLN A 12 11.35 -23.80 15.56
N THR A 13 10.71 -22.94 16.35
CA THR A 13 10.10 -21.71 15.85
C THR A 13 11.02 -20.48 15.95
N ASP A 14 11.71 -20.35 17.09
CA ASP A 14 12.77 -19.36 17.19
C ASP A 14 13.62 -19.34 15.94
N TYR A 15 14.04 -20.53 15.50
CA TYR A 15 14.86 -20.65 14.32
C TYR A 15 14.19 -20.08 13.08
N ARG A 16 12.87 -20.20 12.99
CA ARG A 16 12.18 -19.63 11.84
C ARG A 16 12.29 -18.11 11.84
N ILE A 17 12.13 -17.48 13.00
CA ILE A 17 12.33 -16.03 13.06
C ILE A 17 13.79 -15.69 12.74
N PHE A 18 14.72 -16.54 13.16
CA PHE A 18 16.13 -16.37 12.80
C PHE A 18 16.31 -16.35 11.29
N GLU A 19 15.73 -17.33 10.60
CA GLU A 19 15.86 -17.40 9.14
C GLU A 19 15.22 -16.20 8.47
N LEU A 20 14.09 -15.74 9.01
CA LEU A 20 13.46 -14.53 8.48
C LEU A 20 14.43 -13.34 8.52
N ASN A 21 15.03 -13.10 9.69
CA ASN A 21 16.04 -12.03 9.78
C ASN A 21 17.18 -12.26 8.81
N LYS A 22 17.68 -13.50 8.75
CA LYS A 22 18.82 -13.81 7.90
C LYS A 22 18.56 -13.44 6.44
N ARG A 23 17.36 -13.74 5.97
CA ARG A 23 17.00 -13.44 4.56
C ARG A 23 16.89 -11.94 4.42
N LEU A 24 16.20 -11.28 5.33
CA LEU A 24 16.12 -9.83 5.27
C LEU A 24 17.51 -9.18 5.22
N GLN A 25 18.57 -9.91 5.57
CA GLN A 25 19.91 -9.37 5.33
C GLN A 25 20.30 -9.37 3.85
N ASN A 26 19.52 -10.01 2.98
CA ASN A 26 19.88 -10.06 1.57
C ASN A 26 19.23 -8.95 0.75
N TRP A 27 18.37 -8.16 1.37
CA TRP A 27 17.69 -7.06 0.69
C TRP A 27 18.69 -6.10 0.04
N THR A 28 18.32 -5.61 -1.13
CA THR A 28 19.02 -4.55 -1.83
C THR A 28 17.98 -3.54 -2.27
N GLU A 29 18.45 -2.37 -2.72
CA GLU A 29 17.55 -1.38 -3.28
C GLU A 29 16.89 -1.88 -4.56
N GLU A 30 17.49 -2.85 -5.24
CA GLU A 30 16.95 -3.43 -6.46
C GLU A 30 15.93 -4.52 -6.21
N CYS A 31 15.65 -4.86 -4.96
CA CYS A 31 14.64 -5.87 -4.65
C CYS A 31 13.24 -5.35 -4.99
N ASP A 32 12.57 -6.04 -5.92
CA ASP A 32 11.30 -5.60 -6.50
C ASP A 32 10.14 -6.48 -6.01
N ASN A 33 9.08 -6.56 -6.82
CA ASN A 33 7.88 -7.29 -6.40
C ASN A 33 8.12 -8.80 -6.41
N LEU A 34 8.91 -9.29 -7.36
CA LEU A 34 9.14 -10.74 -7.44
C LEU A 34 9.99 -11.22 -6.27
N TRP A 35 10.99 -10.43 -5.87
CA TRP A 35 11.83 -10.79 -4.72
C TRP A 35 11.00 -10.85 -3.44
N TRP A 36 10.19 -9.81 -3.20
CA TRP A 36 9.38 -9.80 -1.99
C TRP A 36 8.33 -10.91 -2.02
N ASP A 37 7.85 -11.26 -3.21
CA ASP A 37 6.93 -12.38 -3.31
C ASP A 37 7.62 -13.70 -2.96
N ALA A 38 8.86 -13.89 -3.41
CA ALA A 38 9.58 -15.12 -3.06
C ALA A 38 9.84 -15.19 -1.56
N PHE A 39 10.21 -14.06 -0.96
CA PHE A 39 10.40 -13.99 0.49
C PHE A 39 9.13 -14.37 1.23
N THR A 40 8.02 -13.69 0.91
CA THR A 40 6.74 -14.01 1.55
C THR A 40 6.37 -15.47 1.37
N THR A 41 6.56 -16.01 0.17
CA THR A 41 6.22 -17.41 -0.08
C THR A 41 7.07 -18.34 0.77
N GLU A 42 8.31 -17.96 1.06
CA GLU A 42 9.11 -18.80 1.94
C GLU A 42 8.66 -18.71 3.39
N PHE A 43 8.10 -17.58 3.83
CA PHE A 43 7.79 -17.46 5.25
C PHE A 43 6.31 -17.37 5.58
N PHE A 44 5.42 -17.39 4.60
CA PHE A 44 4.00 -17.20 4.88
C PHE A 44 3.17 -18.19 4.09
N GLU A 45 2.12 -18.70 4.74
CA GLU A 45 1.19 -19.60 4.05
C GLU A 45 0.36 -18.80 3.04
N ASP A 46 -0.23 -19.52 2.09
CA ASP A 46 -0.91 -18.85 0.99
C ASP A 46 -2.13 -18.07 1.45
N ASP A 47 -2.70 -18.41 2.61
CA ASP A 47 -3.84 -17.70 3.17
C ASP A 47 -3.49 -17.07 4.51
N ALA A 48 -2.23 -16.66 4.66
CA ALA A 48 -1.80 -16.01 5.89
C ALA A 48 -2.41 -14.62 6.03
N MSE A 49 -2.46 -14.14 7.27
CA MSE A 49 -3.00 -12.82 7.55
C MSE A 49 -2.10 -12.02 8.50
O MSE A 49 -1.69 -12.53 9.56
CB MSE A 49 -4.41 -12.92 8.10
CG MSE A 49 -5.35 -13.73 7.21
SE MSE A 49 -7.21 -13.19 7.33
CE MSE A 49 -7.08 -11.44 6.47
N LEU A 50 -1.79 -10.79 8.12
CA LEU A 50 -0.95 -9.90 8.89
C LEU A 50 -1.78 -8.78 9.50
N THR A 51 -1.36 -8.34 10.68
CA THR A 51 -2.12 -7.36 11.44
C THR A 51 -1.15 -6.46 12.21
N ILE A 52 -1.31 -5.16 12.04
CA ILE A 52 -0.61 -4.17 12.85
C ILE A 52 -1.64 -3.43 13.69
N THR A 53 -1.23 -3.00 14.87
CA THR A 53 -2.13 -2.30 15.78
C THR A 53 -1.34 -1.25 16.54
N PHE A 54 -1.87 -0.03 16.62
CA PHE A 54 -1.16 1.00 17.39
C PHE A 54 -2.17 2.00 17.93
N CYS A 55 -1.66 3.11 18.47
CA CYS A 55 -2.51 4.14 19.10
C CYS A 55 -2.46 5.48 18.39
N LEU A 56 -1.30 5.86 17.86
CA LEU A 56 -1.15 7.08 17.03
C LEU A 56 -1.57 8.29 17.87
N GLU A 57 -2.40 9.20 17.34
CA GLU A 57 -2.70 10.45 18.01
C GLU A 57 -4.19 10.69 18.27
N ASP A 58 -5.08 9.92 17.64
CA ASP A 58 -6.51 10.11 17.84
C ASP A 58 -7.21 8.96 18.55
N GLY A 59 -6.63 7.75 18.49
CA GLY A 59 -7.24 6.59 19.11
C GLY A 59 -6.69 5.31 18.52
N PRO A 60 -7.05 4.18 19.13
CA PRO A 60 -6.51 2.89 18.66
C PRO A 60 -6.81 2.63 17.20
N LYS A 61 -5.86 2.00 16.51
CA LYS A 61 -5.92 1.69 15.10
C LYS A 61 -5.51 0.24 14.89
N ARG A 62 -6.16 -0.40 13.93
CA ARG A 62 -5.92 -1.81 13.62
C ARG A 62 -6.03 -2.00 12.11
N TYR A 63 -5.00 -2.60 11.50
CA TYR A 63 -4.98 -2.86 10.07
C TYR A 63 -4.65 -4.33 9.85
N THR A 64 -5.49 -5.03 9.09
CA THR A 64 -5.30 -6.44 8.78
C THR A 64 -5.30 -6.66 7.28
N ILE A 65 -4.28 -7.33 6.75
CA ILE A 65 -4.15 -7.57 5.32
C ILE A 65 -3.90 -9.05 5.05
N GLY A 66 -4.38 -9.50 3.89
CA GLY A 66 -4.20 -10.87 3.47
C GLY A 66 -2.86 -11.08 2.77
N ARG A 67 -2.71 -12.28 2.21
CA ARG A 67 -1.39 -12.75 1.77
C ARG A 67 -0.82 -11.87 0.66
N THR A 68 -1.60 -11.58 -0.38
CA THR A 68 -1.03 -10.85 -1.51
C THR A 68 -0.62 -9.43 -1.15
N LEU A 69 -1.17 -8.92 -0.07
CA LEU A 69 -0.82 -7.54 0.28
C LEU A 69 0.36 -7.53 1.25
N ILE A 70 0.87 -8.72 1.58
CA ILE A 70 1.93 -8.83 2.63
C ILE A 70 3.29 -8.41 2.11
N PRO A 71 3.74 -8.81 0.92
CA PRO A 71 5.05 -8.40 0.46
C PRO A 71 5.20 -6.88 0.50
N ARG A 72 4.26 -6.17 -0.07
CA ARG A 72 4.38 -4.70 -0.08
C ARG A 72 4.37 -4.19 1.35
N TYR A 73 3.88 -4.97 2.31
CA TYR A 73 3.96 -4.42 3.68
C TYR A 73 5.41 -4.36 4.10
N PHE A 74 6.15 -5.42 3.84
CA PHE A 74 7.58 -5.48 4.22
C PHE A 74 8.34 -4.44 3.41
N ARG A 75 8.00 -4.33 2.14
CA ARG A 75 8.64 -3.36 1.23
C ARG A 75 8.37 -1.95 1.71
N SER A 76 7.19 -1.67 2.23
CA SER A 76 6.83 -0.31 2.70
C SER A 76 7.82 0.18 3.76
N ILE A 77 8.24 -0.68 4.68
CA ILE A 77 9.17 -0.27 5.77
C ILE A 77 10.48 0.21 5.16
N PHE A 78 10.96 -0.48 4.14
CA PHE A 78 12.24 -0.12 3.50
C PHE A 78 12.08 1.14 2.65
N GLU A 79 10.97 1.22 1.94
CA GLU A 79 10.86 2.37 1.05
C GLU A 79 10.57 3.66 1.80
N GLY A 80 10.42 3.60 3.12
CA GLY A 80 10.32 4.74 4.01
C GLY A 80 11.62 5.14 4.67
N GLY A 81 12.73 4.50 4.31
CA GLY A 81 14.02 4.92 4.80
C GLY A 81 14.88 3.82 5.42
N ALA A 82 14.33 2.62 5.55
CA ALA A 82 15.07 1.52 6.16
C ALA A 82 15.97 0.84 5.14
N THR A 83 17.18 0.50 5.56
CA THR A 83 18.14 -0.26 4.77
C THR A 83 18.42 -1.66 5.32
N GLU A 84 17.97 -1.97 6.54
CA GLU A 84 17.94 -3.34 7.01
C GLU A 84 16.89 -3.45 8.11
N LEU A 85 16.37 -4.65 8.28
CA LEU A 85 15.25 -4.89 9.19
C LEU A 85 15.44 -6.24 9.88
N TYR A 86 15.11 -6.29 11.16
CA TYR A 86 15.10 -7.57 11.86
C TYR A 86 14.27 -7.44 13.13
N TYR A 87 13.77 -8.60 13.58
CA TYR A 87 12.94 -8.71 14.75
C TYR A 87 13.73 -9.36 15.88
N VAL A 88 13.56 -8.84 17.08
CA VAL A 88 14.15 -9.42 18.28
C VAL A 88 13.00 -9.82 19.19
N LEU A 89 12.96 -11.09 19.56
CA LEU A 89 11.93 -11.61 20.45
C LEU A 89 12.61 -12.03 21.73
N LYS A 90 12.28 -11.37 22.85
CA LYS A 90 12.86 -11.72 24.13
C LYS A 90 11.85 -12.55 24.90
N HIS A 91 12.23 -13.78 25.24
CA HIS A 91 11.44 -14.74 26.01
C HIS A 91 10.08 -15.04 25.38
N PRO A 92 10.03 -15.45 24.11
CA PRO A 92 8.73 -15.81 23.53
C PRO A 92 8.21 -17.10 24.13
N LYS A 93 6.89 -17.20 24.19
CA LYS A 93 6.22 -18.39 24.70
C LYS A 93 5.79 -19.25 23.52
N GLU A 94 6.31 -20.48 23.46
CA GLU A 94 5.94 -21.46 22.46
C GLU A 94 4.82 -22.34 22.97
N ALA A 95 3.90 -22.71 22.08
CA ALA A 95 2.84 -23.65 22.44
C ALA A 95 2.50 -24.49 21.22
N PHE A 96 2.64 -25.81 21.37
CA PHE A 96 2.32 -26.75 20.31
C PHE A 96 0.87 -27.18 20.40
N HIS A 97 0.23 -27.31 19.25
CA HIS A 97 -1.17 -27.72 19.19
C HIS A 97 -1.32 -28.83 18.17
N SER A 98 -2.56 -29.31 18.03
CA SER A 98 -2.85 -30.37 17.07
C SER A 98 -2.27 -30.05 15.70
N ASN A 99 -2.56 -28.84 15.18
CA ASN A 99 -2.26 -28.52 13.79
C ASN A 99 -1.43 -27.26 13.60
N PHE A 100 -0.95 -26.62 14.68
CA PHE A 100 -0.18 -25.39 14.52
C PHE A 100 0.63 -25.15 15.79
N VAL A 101 1.51 -24.16 15.71
CA VAL A 101 2.38 -23.78 16.82
C VAL A 101 2.28 -22.27 17.00
N SER A 102 1.94 -21.85 18.21
CA SER A 102 1.91 -20.44 18.58
C SER A 102 3.26 -20.01 19.16
N LEU A 103 3.65 -18.78 18.81
CA LEU A 103 4.76 -18.09 19.44
C LEU A 103 4.27 -16.71 19.86
N ASP A 104 4.25 -16.46 21.17
CA ASP A 104 3.66 -15.25 21.75
C ASP A 104 4.73 -14.53 22.55
N CYS A 105 5.18 -13.37 22.06
CA CYS A 105 6.27 -12.61 22.64
C CYS A 105 5.75 -11.23 23.03
N ASP A 106 5.61 -10.99 24.34
CA ASP A 106 5.21 -9.67 24.83
C ASP A 106 6.31 -8.64 24.58
N GLN A 107 7.56 -9.05 24.71
CA GLN A 107 8.70 -8.16 24.51
C GLN A 107 9.30 -8.41 23.13
N GLY A 108 8.54 -7.95 22.13
CA GLY A 108 8.96 -7.99 20.75
C GLY A 108 9.45 -6.63 20.29
N SER A 109 10.45 -6.65 19.42
CA SER A 109 11.10 -5.43 18.96
C SER A 109 11.29 -5.53 17.46
N MSE A 110 10.79 -4.54 16.74
CA MSE A 110 11.08 -4.42 15.32
C MSE A 110 12.08 -3.29 15.13
O MSE A 110 11.78 -2.12 15.39
CB MSE A 110 9.80 -4.16 14.53
CG MSE A 110 10.02 -3.62 13.13
SE MSE A 110 8.40 -2.84 12.42
CE MSE A 110 7.67 -4.44 11.57
N VAL A 111 13.30 -3.65 14.72
CA VAL A 111 14.42 -2.71 14.61
C VAL A 111 14.71 -2.46 13.14
N THR A 112 14.87 -1.19 12.78
CA THR A 112 15.23 -0.80 11.43
C THR A 112 16.33 0.26 11.49
N GLN A 113 17.33 0.10 10.64
CA GLN A 113 18.38 1.09 10.47
C GLN A 113 18.05 1.94 9.26
N HIS A 114 18.28 3.25 9.38
CA HIS A 114 18.04 4.16 8.27
C HIS A 114 19.36 4.57 7.63
N GLY A 115 19.36 4.66 6.30
CA GLY A 115 20.58 4.82 5.54
C GLY A 115 21.10 6.24 5.48
N LYS A 116 21.84 6.54 4.40
CA LYS A 116 22.36 7.88 4.21
C LYS A 116 21.24 8.81 3.73
N PRO A 117 21.16 10.03 4.28
CA PRO A 117 21.99 10.49 5.39
C PRO A 117 21.26 10.39 6.73
N MSE A 118 21.84 10.91 7.81
CA MSE A 118 21.26 10.79 9.15
C MSE A 118 20.99 9.32 9.49
O MSE A 118 19.83 8.89 9.53
CB MSE A 118 19.96 11.60 9.28
CG MSE A 118 20.09 13.12 9.18
SE MSE A 118 20.69 13.77 7.44
CE MSE A 118 19.93 15.57 7.43
N PHE A 119 22.05 8.56 9.76
CA PHE A 119 21.94 7.11 9.96
C PHE A 119 21.30 6.83 11.32
N THR A 120 19.97 6.93 11.34
CA THR A 120 19.17 6.77 12.55
C THR A 120 18.61 5.36 12.64
N GLN A 121 18.35 4.92 13.88
CA GLN A 121 17.80 3.59 14.14
C GLN A 121 16.51 3.74 14.92
N VAL A 122 15.41 3.21 14.39
CA VAL A 122 14.13 3.24 15.08
C VAL A 122 13.79 1.83 15.55
N CYS A 123 13.55 1.70 16.86
CA CYS A 123 13.24 0.44 17.51
C CYS A 123 11.80 0.50 18.00
N VAL A 124 10.94 -0.35 17.42
CA VAL A 124 9.52 -0.38 17.72
C VAL A 124 9.24 -1.55 18.65
N GLU A 125 8.76 -1.28 19.85
CA GLU A 125 8.45 -2.30 20.85
C GLU A 125 6.98 -2.67 20.78
N GLY A 126 6.68 -3.94 21.08
CA GLY A 126 5.30 -4.39 21.07
C GLY A 126 5.21 -5.88 21.24
N ARG A 127 3.97 -6.37 21.14
CA ARG A 127 3.65 -7.78 21.30
C ARG A 127 3.52 -8.43 19.93
N LEU A 128 4.38 -9.42 19.66
CA LEU A 128 4.33 -10.20 18.42
C LEU A 128 3.72 -11.57 18.71
N TYR A 129 2.62 -11.86 18.03
CA TYR A 129 1.95 -13.15 18.11
C TYR A 129 1.96 -13.79 16.74
N LEU A 130 2.53 -14.98 16.65
CA LEU A 130 2.63 -15.71 15.40
C LEU A 130 2.03 -17.09 15.55
N GLU A 131 1.26 -17.51 14.56
CA GLU A 131 0.84 -18.89 14.42
C GLU A 131 1.49 -19.46 13.17
N PHE A 132 2.34 -20.48 13.37
CA PHE A 132 2.97 -21.27 12.33
C PHE A 132 2.18 -22.54 12.11
N MSE A 133 2.25 -23.08 10.90
CA MSE A 133 1.67 -24.40 10.64
C MSE A 133 2.68 -25.47 11.00
O MSE A 133 3.88 -25.26 10.85
CB MSE A 133 1.24 -24.57 9.18
CG MSE A 133 0.09 -25.56 9.01
SE MSE A 133 -1.54 -24.59 9.42
CE MSE A 133 -0.88 -22.84 8.96
N PHE A 134 2.20 -26.61 11.47
CA PHE A 134 3.07 -27.65 12.01
C PHE A 134 3.35 -28.71 10.92
N ASP A 135 4.08 -28.28 9.90
CA ASP A 135 4.45 -29.18 8.79
C ASP A 135 5.92 -28.97 8.45
N ASP A 136 6.34 -29.51 7.30
CA ASP A 136 7.75 -29.47 6.92
C ASP A 136 8.22 -28.04 6.64
N MSE A 137 7.38 -27.26 5.98
CA MSE A 137 7.68 -25.85 5.74
C MSE A 137 6.94 -25.02 6.76
O MSE A 137 5.83 -24.53 6.50
CB MSE A 137 7.27 -25.44 4.33
CG MSE A 137 7.79 -26.32 3.23
SE MSE A 137 6.80 -25.91 1.62
CE MSE A 137 5.03 -25.64 2.41
N MSE A 138 7.53 -24.85 7.94
CA MSE A 138 6.82 -24.20 9.03
C MSE A 138 6.58 -22.72 8.78
O MSE A 138 7.25 -21.87 9.36
CB MSE A 138 7.58 -24.39 10.34
CG MSE A 138 6.81 -25.24 11.31
SE MSE A 138 7.83 -25.79 12.82
CE MSE A 138 8.17 -24.05 13.55
N ARG A 139 5.62 -22.42 7.92
CA ARG A 139 5.37 -21.06 7.51
C ARG A 139 4.36 -20.39 8.43
N ILE A 140 4.35 -19.06 8.40
CA ILE A 140 3.49 -18.28 9.29
C ILE A 140 2.08 -18.27 8.74
N LYS A 141 1.12 -18.73 9.55
CA LYS A 141 -0.28 -18.54 9.21
C LYS A 141 -0.79 -17.17 9.65
N THR A 142 -0.44 -16.73 10.86
CA THR A 142 -0.93 -15.43 11.29
C THR A 142 0.18 -14.67 12.00
N TRP A 143 0.19 -13.36 11.77
CA TRP A 143 1.19 -12.42 12.24
C TRP A 143 0.45 -11.23 12.83
N HIS A 144 0.65 -10.97 14.12
CA HIS A 144 -0.07 -9.92 14.82
C HIS A 144 0.90 -9.11 15.66
N PHE A 145 1.03 -7.82 15.36
CA PHE A 145 2.00 -6.95 16.01
C PHE A 145 1.25 -5.78 16.64
N SER A 146 1.11 -5.83 17.96
CA SER A 146 0.46 -4.75 18.72
C SER A 146 1.57 -3.85 19.26
N ILE A 147 1.72 -2.66 18.67
CA ILE A 147 2.82 -1.74 18.93
C ILE A 147 2.50 -0.90 20.17
N ARG A 148 3.45 -0.84 21.10
CA ARG A 148 3.25 -0.07 22.32
C ARG A 148 3.98 1.27 22.24
N GLN A 149 5.26 1.28 22.59
CA GLN A 149 6.08 2.47 22.47
C GLN A 149 7.02 2.33 21.28
N HIS A 150 7.99 3.24 21.19
CA HIS A 150 9.03 3.17 20.18
C HIS A 150 10.12 4.17 20.53
N ARG A 151 11.29 3.98 19.92
CA ARG A 151 12.43 4.85 20.14
C ARG A 151 13.08 5.16 18.80
N GLU A 152 13.66 6.35 18.71
CA GLU A 152 14.49 6.74 17.58
C GLU A 152 15.84 7.21 18.13
N LEU A 153 16.90 6.51 17.76
CA LEU A 153 18.25 6.76 18.24
C LEU A 153 19.08 7.33 17.11
N ILE A 154 19.79 8.43 17.38
CA ILE A 154 20.57 9.13 16.37
C ILE A 154 22.04 9.02 16.74
N PRO A 155 22.93 8.78 15.78
CA PRO A 155 24.35 8.59 16.10
C PRO A 155 24.97 9.83 16.74
N ARG A 156 25.57 9.63 17.91
CA ARG A 156 26.35 10.64 18.60
C ARG A 156 27.45 11.22 17.73
N SER A 157 27.80 10.58 16.62
CA SER A 157 28.63 11.23 15.61
C SER A 157 27.93 12.45 15.03
N ILE A 158 26.71 12.26 14.52
CA ILE A 158 26.00 13.33 13.83
C ILE A 158 25.44 14.36 14.82
N LEU A 159 25.38 14.04 16.11
CA LEU A 159 25.09 15.06 17.11
C LEU A 159 26.21 16.09 17.18
N ALA A 160 27.47 15.64 17.13
CA ALA A 160 28.61 16.55 17.16
C ALA A 160 28.71 17.39 15.90
N MSE A 161 28.39 16.80 14.76
CA MSE A 161 28.42 17.46 13.47
C MSE A 161 27.57 18.73 13.42
O MSE A 161 28.08 19.83 13.24
CB MSE A 161 27.93 16.50 12.39
CG MSE A 161 27.98 17.05 10.99
SE MSE A 161 27.90 15.55 9.76
CE MSE A 161 29.18 16.18 8.46
N HIS A 162 26.25 18.55 13.61
CA HIS A 162 25.27 19.62 13.66
C HIS A 162 25.05 20.14 15.07
N ALA A 163 26.08 20.22 15.89
CA ALA A 163 25.88 20.64 17.27
C ALA A 163 25.84 22.16 17.42
N GLN A 164 26.54 22.88 16.54
CA GLN A 164 26.55 24.34 16.56
C GLN A 164 25.74 24.90 15.40
N ASP A 165 24.61 24.27 15.10
CA ASP A 165 23.69 24.70 14.05
C ASP A 165 22.27 24.63 14.63
N PRO A 166 21.96 25.48 15.62
CA PRO A 166 20.77 25.23 16.47
C PRO A 166 19.45 25.14 15.71
N GLN A 167 19.15 26.09 14.82
CA GLN A 167 17.86 26.09 14.15
C GLN A 167 17.65 24.81 13.34
N MSE A 168 18.67 24.37 12.63
CA MSE A 168 18.62 23.06 12.01
C MSE A 168 18.56 21.93 13.05
O MSE A 168 17.79 20.99 12.88
CB MSE A 168 19.84 22.87 11.09
CG MSE A 168 20.14 21.44 10.60
SE MSE A 168 18.65 20.28 10.08
CE MSE A 168 19.60 18.96 9.01
N LEU A 169 19.33 22.03 14.15
CA LEU A 169 19.59 20.85 14.96
C LEU A 169 18.44 20.48 15.90
N ASP A 170 17.61 21.45 16.34
CA ASP A 170 16.40 21.01 17.03
C ASP A 170 15.42 20.37 16.05
N GLN A 171 15.66 20.54 14.74
CA GLN A 171 15.01 19.69 13.75
C GLN A 171 15.28 18.21 14.02
N LEU A 172 16.43 17.88 14.62
CA LEU A 172 16.78 16.51 14.95
C LEU A 172 16.34 16.12 16.34
N SER A 173 15.60 16.99 17.02
CA SER A 173 14.81 16.62 18.18
C SER A 173 13.38 16.21 17.79
N LYS A 174 13.18 16.13 16.49
CA LYS A 174 11.85 15.73 15.98
C LYS A 174 11.80 14.21 15.86
N ASN A 175 10.88 13.76 15.05
CA ASN A 175 10.71 12.31 14.95
C ASN A 175 10.48 11.92 13.50
N ILE A 176 11.17 10.86 13.07
CA ILE A 176 11.01 10.35 11.71
C ILE A 176 9.66 9.68 11.56
N THR A 177 9.33 8.80 12.49
CA THR A 177 8.10 8.02 12.44
C THR A 177 7.11 8.54 13.48
N ARG A 178 5.83 8.36 13.18
CA ARG A 178 4.77 8.74 14.12
C ARG A 178 4.63 7.72 15.25
N CYS A 179 4.70 6.44 14.90
CA CYS A 179 4.46 5.39 15.88
C CYS A 179 5.54 4.33 15.84
N GLY A 180 6.70 4.64 15.25
CA GLY A 180 7.62 3.63 14.80
C GLY A 180 7.42 3.20 13.37
N LEU A 181 6.28 3.54 12.79
CA LEU A 181 5.99 3.30 11.38
C LEU A 181 6.18 4.58 10.60
N SER A 182 6.93 4.50 9.51
CA SER A 182 7.11 5.64 8.62
C SER A 182 5.80 5.92 7.87
N ASN A 183 5.72 7.13 7.30
CA ASN A 183 4.53 7.51 6.55
C ASN A 183 4.27 6.57 5.38
N SER A 184 5.33 5.99 4.80
CA SER A 184 5.18 5.01 3.75
C SER A 184 4.23 3.90 4.17
N THR A 185 4.52 3.25 5.30
CA THR A 185 3.72 2.10 5.74
C THR A 185 2.33 2.52 6.19
N LEU A 186 2.25 3.66 6.87
CA LEU A 186 0.97 4.17 7.30
C LEU A 186 0.03 4.34 6.11
N ASN A 187 0.51 5.03 5.08
CA ASN A 187 -0.31 5.27 3.89
C ASN A 187 -0.62 3.97 3.16
N TYR A 188 0.36 3.05 3.10
CA TYR A 188 0.12 1.77 2.43
C TYR A 188 -0.99 0.97 3.10
N LEU A 189 -0.91 0.84 4.43
CA LEU A 189 -1.91 0.06 5.14
C LEU A 189 -3.26 0.75 5.12
N ARG A 190 -3.28 2.09 5.13
CA ARG A 190 -4.54 2.81 4.98
C ARG A 190 -5.18 2.52 3.63
N LEU A 191 -4.38 2.48 2.57
CA LEU A 191 -4.90 2.12 1.25
C LEU A 191 -5.37 0.67 1.19
N CYS A 192 -4.67 -0.22 1.90
CA CYS A 192 -5.04 -1.62 1.93
C CYS A 192 -6.42 -1.83 2.56
N VAL A 193 -6.67 -1.13 3.68
CA VAL A 193 -7.94 -1.14 4.40
C VAL A 193 -9.13 -1.16 3.44
N ILE A 194 -9.02 -0.38 2.37
CA ILE A 194 -10.15 -0.14 1.50
C ILE A 194 -10.03 -0.88 0.16
N LEU A 195 -8.82 -1.05 -0.37
CA LEU A 195 -8.74 -1.76 -1.65
C LEU A 195 -8.92 -3.26 -1.49
N GLU A 196 -8.58 -3.83 -0.33
CA GLU A 196 -8.60 -5.29 -0.22
C GLU A 196 -10.01 -5.90 -0.35
N PRO A 197 -11.06 -5.38 0.29
CA PRO A 197 -12.40 -5.97 0.05
C PRO A 197 -12.92 -5.81 -1.38
N MSE A 198 -12.38 -4.87 -2.15
CA MSE A 198 -12.78 -4.69 -3.55
C MSE A 198 -12.40 -5.84 -4.45
O MSE A 198 -12.96 -6.02 -5.52
CB MSE A 198 -12.11 -3.44 -4.10
CG MSE A 198 -12.46 -2.19 -3.38
SE MSE A 198 -12.17 -0.76 -4.61
CE MSE A 198 -11.19 0.42 -3.44
N GLN A 199 -11.40 -6.61 -3.99
CA GLN A 199 -10.89 -7.74 -4.74
C GLN A 199 -12.02 -8.64 -5.24
N GLU A 200 -13.10 -8.80 -4.45
CA GLU A 200 -14.22 -9.59 -4.93
C GLU A 200 -14.89 -8.91 -6.12
N LEU A 201 -15.14 -7.59 -6.03
CA LEU A 201 -15.65 -6.85 -7.18
C LEU A 201 -14.81 -7.09 -8.42
N MSE A 202 -13.49 -6.94 -8.29
CA MSE A 202 -12.56 -7.22 -9.37
C MSE A 202 -12.85 -8.59 -9.98
O MSE A 202 -12.99 -8.69 -11.21
CB MSE A 202 -11.12 -7.13 -8.86
CG MSE A 202 -10.77 -5.77 -8.28
SE MSE A 202 -8.98 -5.69 -7.52
CE MSE A 202 -9.11 -4.02 -6.53
N SER A 203 -12.97 -9.62 -9.14
CA SER A 203 -13.30 -10.95 -9.64
C SER A 203 -14.59 -10.92 -10.43
N ARG A 204 -15.64 -10.33 -9.86
CA ARG A 204 -16.87 -10.10 -10.60
C ARG A 204 -16.55 -9.47 -11.94
N HIS A 205 -15.82 -8.36 -11.92
CA HIS A 205 -15.42 -7.70 -13.16
C HIS A 205 -14.72 -8.67 -14.09
N LYS A 206 -13.74 -9.40 -13.56
CA LYS A 206 -12.95 -10.31 -14.39
C LYS A 206 -13.84 -11.37 -15.03
N THR A 207 -14.97 -11.68 -14.41
CA THR A 207 -15.80 -12.77 -14.96
C THR A 207 -16.96 -12.16 -15.74
N TYR A 208 -18.03 -11.80 -15.05
CA TYR A 208 -19.19 -11.18 -15.75
C TYR A 208 -18.72 -9.85 -16.33
N SER A 209 -19.10 -9.51 -17.54
CA SER A 209 -18.64 -8.20 -18.05
C SER A 209 -19.63 -7.16 -17.56
N LEU A 210 -19.18 -6.27 -16.68
CA LEU A 210 -20.08 -5.23 -16.13
C LEU A 210 -19.26 -4.01 -15.75
N SER A 211 -19.90 -2.95 -15.33
CA SER A 211 -19.17 -1.78 -14.86
C SER A 211 -18.73 -2.01 -13.41
N PRO A 212 -17.57 -1.44 -13.01
CA PRO A 212 -17.17 -1.58 -11.60
C PRO A 212 -18.24 -1.11 -10.63
N ARG A 213 -18.96 -0.04 -10.98
CA ARG A 213 -20.05 0.42 -10.12
C ARG A 213 -21.20 -0.60 -10.12
N ASP A 214 -21.47 -1.23 -11.25
CA ASP A 214 -22.50 -2.27 -11.28
C ASP A 214 -22.04 -3.53 -10.55
N CYS A 215 -20.74 -3.82 -10.56
CA CYS A 215 -20.19 -4.89 -9.73
C CYS A 215 -20.42 -4.60 -8.25
N LEU A 216 -19.97 -3.43 -7.81
CA LEU A 216 -20.23 -2.98 -6.46
C LEU A 216 -21.71 -3.12 -6.11
N LYS A 217 -22.58 -2.65 -7.00
CA LYS A 217 -24.01 -2.72 -6.78
C LYS A 217 -24.46 -4.15 -6.59
N THR A 218 -24.13 -5.05 -7.52
CA THR A 218 -24.66 -6.41 -7.46
C THR A 218 -24.10 -7.17 -6.25
N CYS A 219 -22.85 -6.92 -5.85
CA CYS A 219 -22.32 -7.56 -4.65
C CYS A 219 -23.03 -7.07 -3.39
N LEU A 220 -22.97 -5.76 -3.13
CA LEU A 220 -23.74 -5.18 -2.03
C LEU A 220 -25.17 -5.70 -2.04
N PHE A 221 -25.80 -5.62 -3.21
CA PHE A 221 -27.12 -6.17 -3.45
C PHE A 221 -27.22 -7.58 -2.90
N GLN A 222 -26.17 -8.37 -3.08
CA GLN A 222 -26.25 -9.75 -2.64
C GLN A 222 -26.17 -9.92 -1.14
N LYS A 223 -25.31 -9.15 -0.49
CA LYS A 223 -24.72 -9.64 0.75
C LYS A 223 -25.67 -9.58 1.92
N TRP A 224 -26.81 -8.89 1.79
CA TRP A 224 -27.83 -9.04 2.82
C TRP A 224 -28.29 -10.49 2.92
N GLN A 225 -28.37 -11.21 1.79
CA GLN A 225 -28.93 -12.56 1.88
C GLN A 225 -27.97 -13.57 2.45
N ARG A 226 -26.67 -13.32 2.33
CA ARG A 226 -25.77 -14.19 3.06
C ARG A 226 -26.18 -14.24 4.52
N MSE A 227 -26.73 -13.13 5.04
CA MSE A 227 -26.95 -13.00 6.46
C MSE A 227 -28.09 -13.87 7.00
O MSE A 227 -27.99 -14.39 8.11
CB MSE A 227 -27.21 -11.53 6.82
CG MSE A 227 -26.81 -11.21 8.26
SE MSE A 227 -28.03 -11.91 9.61
CE MSE A 227 -27.15 -11.26 11.22
N VAL A 228 -29.18 -14.03 6.22
CA VAL A 228 -30.36 -14.78 6.68
C VAL A 228 -29.97 -16.14 7.26
N SER B 11 -1.28 -14.25 -15.04
CA SER B 11 -0.57 -15.27 -14.28
C SER B 11 0.36 -14.64 -13.24
N ALA B 12 0.72 -15.44 -12.23
CA ALA B 12 1.72 -15.07 -11.22
C ALA B 12 1.52 -13.68 -10.64
N VAL B 13 2.63 -13.01 -10.34
CA VAL B 13 2.64 -11.69 -9.70
C VAL B 13 3.16 -10.67 -10.68
N PRO B 14 2.53 -9.50 -10.80
CA PRO B 14 3.04 -8.50 -11.74
C PRO B 14 4.38 -7.95 -11.29
N SER B 15 5.31 -7.85 -12.24
CA SER B 15 6.55 -7.13 -12.00
C SER B 15 6.29 -5.63 -11.97
N ASP B 16 7.29 -4.88 -11.50
CA ASP B 16 7.16 -3.43 -11.48
C ASP B 16 7.05 -2.89 -12.91
N SER B 17 7.82 -3.45 -13.84
CA SER B 17 7.72 -3.05 -15.24
C SER B 17 6.31 -3.26 -15.77
N GLN B 18 5.75 -4.47 -15.60
CA GLN B 18 4.43 -4.75 -16.13
C GLN B 18 3.39 -3.79 -15.56
N ALA B 19 3.48 -3.50 -14.26
CA ALA B 19 2.54 -2.60 -13.63
C ALA B 19 2.68 -1.17 -14.16
N ARG B 20 3.92 -0.71 -14.35
CA ARG B 20 4.13 0.62 -14.92
C ARG B 20 3.57 0.71 -16.33
N GLU B 21 3.72 -0.36 -17.12
CA GLU B 21 3.19 -0.36 -18.48
C GLU B 21 1.67 -0.33 -18.49
N LYS B 22 1.04 -1.15 -17.63
CA LYS B 22 -0.41 -1.18 -17.57
C LYS B 22 -0.96 0.17 -17.10
N LEU B 23 -0.31 0.79 -16.11
CA LEU B 23 -0.71 2.11 -15.67
C LEU B 23 -0.54 3.13 -16.79
N ALA B 24 0.56 3.07 -17.53
CA ALA B 24 0.78 4.02 -18.61
C ALA B 24 -0.33 3.93 -19.67
N LEU B 25 -0.63 2.70 -20.12
CA LEU B 25 -1.68 2.55 -21.14
C LEU B 25 -3.04 2.99 -20.61
N TYR B 26 -3.34 2.68 -19.34
CA TYR B 26 -4.66 3.04 -18.84
C TYR B 26 -4.77 4.53 -18.58
N VAL B 27 -3.65 5.20 -18.28
CA VAL B 27 -3.67 6.66 -18.22
C VAL B 27 -3.82 7.25 -19.62
N TYR B 28 -3.29 6.59 -20.64
CA TYR B 28 -3.53 7.06 -22.01
C TYR B 28 -5.02 6.98 -22.34
N GLU B 29 -5.65 5.83 -22.05
CA GLU B 29 -7.09 5.70 -22.25
C GLU B 29 -7.86 6.73 -21.45
N TYR B 30 -7.41 7.00 -20.21
CA TYR B 30 -8.04 8.03 -19.39
C TYR B 30 -7.94 9.39 -20.06
N LEU B 31 -6.76 9.77 -20.53
CA LEU B 31 -6.56 11.04 -21.21
C LEU B 31 -7.45 11.15 -22.44
N LEU B 32 -7.65 10.03 -23.14
CA LEU B 32 -8.53 10.05 -24.30
C LEU B 32 -9.98 10.32 -23.88
N HIS B 33 -10.47 9.58 -22.90
CA HIS B 33 -11.88 9.73 -22.52
C HIS B 33 -12.15 11.02 -21.74
N VAL B 34 -11.11 11.63 -21.15
CA VAL B 34 -11.32 12.90 -20.44
C VAL B 34 -11.24 14.07 -21.40
N GLY B 35 -10.85 13.84 -22.65
CA GLY B 35 -10.77 14.91 -23.63
C GLY B 35 -9.41 15.57 -23.65
N ALA B 36 -8.35 14.75 -23.63
CA ALA B 36 -6.97 15.25 -23.62
C ALA B 36 -6.17 14.57 -24.73
N GLN B 37 -6.69 14.62 -25.97
CA GLN B 37 -6.04 13.97 -27.10
C GLN B 37 -4.60 14.45 -27.27
N LYS B 38 -4.38 15.76 -27.22
CA LYS B 38 -3.04 16.32 -27.40
C LYS B 38 -2.07 15.73 -26.37
N SER B 39 -2.45 15.78 -25.09
CA SER B 39 -1.68 15.18 -24.01
C SER B 39 -1.56 13.68 -24.16
N ALA B 40 -2.59 13.05 -24.72
CA ALA B 40 -2.55 11.61 -24.92
C ALA B 40 -1.40 11.21 -25.83
N GLN B 41 -1.27 11.87 -26.99
CA GLN B 41 -0.19 11.47 -27.90
C GLN B 41 1.16 12.08 -27.51
N THR B 42 1.16 13.27 -26.91
CA THR B 42 2.39 13.80 -26.32
C THR B 42 2.94 12.84 -25.27
N PHE B 43 2.04 12.20 -24.50
CA PHE B 43 2.42 11.17 -23.55
C PHE B 43 2.92 9.93 -24.26
N LEU B 44 2.19 9.51 -25.31
CA LEU B 44 2.55 8.28 -26.00
C LEU B 44 3.99 8.31 -26.52
N SER B 45 4.50 9.47 -26.93
CA SER B 45 5.88 9.46 -27.39
C SER B 45 6.89 10.08 -26.44
N GLU B 46 6.43 10.89 -25.48
CA GLU B 46 7.32 11.27 -24.38
C GLU B 46 7.73 10.08 -23.54
N ILE B 47 7.05 8.94 -23.68
CA ILE B 47 7.46 7.68 -23.08
C ILE B 47 7.78 6.63 -24.12
N ARG B 48 7.77 6.98 -25.42
CA ARG B 48 8.22 6.09 -26.50
C ARG B 48 7.39 4.79 -26.58
N TRP B 49 6.07 4.93 -26.47
CA TRP B 49 5.21 3.75 -26.57
C TRP B 49 5.18 3.26 -28.02
N GLU B 50 5.26 1.93 -28.18
CA GLU B 50 5.40 1.32 -29.50
C GLU B 50 4.40 0.21 -29.81
N LYS B 51 3.51 -0.16 -28.90
CA LYS B 51 2.63 -1.31 -29.10
C LYS B 51 1.22 -0.89 -29.48
N ASN B 52 0.53 -1.76 -30.21
CA ASN B 52 -0.80 -1.46 -30.72
C ASN B 52 -1.78 -1.28 -29.56
N ILE B 53 -2.51 -0.18 -29.59
CA ILE B 53 -3.49 0.16 -28.56
C ILE B 53 -4.86 -0.38 -28.93
N THR B 54 -5.61 -0.78 -27.92
CA THR B 54 -7.07 -0.97 -28.00
C THR B 54 -7.68 -0.51 -26.67
N LEU B 55 -8.83 0.16 -26.75
CA LEU B 55 -9.45 0.76 -25.59
C LEU B 55 -10.93 0.40 -25.49
N GLY B 56 -11.45 0.47 -24.28
CA GLY B 56 -12.84 0.21 -24.00
C GLY B 56 -13.68 1.48 -23.90
N GLU B 57 -14.95 1.28 -23.57
CA GLU B 57 -15.91 2.37 -23.53
C GLU B 57 -15.48 3.43 -22.51
N PRO B 58 -15.94 4.66 -22.67
CA PRO B 58 -15.67 5.69 -21.68
C PRO B 58 -16.37 5.37 -20.37
N PRO B 59 -15.82 5.82 -19.22
CA PRO B 59 -14.65 6.70 -19.13
C PRO B 59 -13.33 5.94 -19.18
N GLY B 60 -13.40 4.62 -19.18
CA GLY B 60 -12.22 3.79 -19.18
C GLY B 60 -12.00 3.09 -17.85
N PHE B 61 -11.07 2.14 -17.88
CA PHE B 61 -10.76 1.29 -16.74
C PHE B 61 -10.37 2.10 -15.50
N LEU B 62 -9.29 2.90 -15.64
CA LEU B 62 -8.74 3.63 -14.51
C LEU B 62 -9.78 4.54 -13.87
N HIS B 63 -10.52 5.29 -14.71
CA HIS B 63 -11.49 6.25 -14.19
C HIS B 63 -12.58 5.56 -13.37
N SER B 64 -13.16 4.49 -13.91
CA SER B 64 -14.24 3.77 -13.23
C SER B 64 -13.77 3.18 -11.91
N TRP B 65 -12.65 2.45 -11.94
CA TRP B 65 -12.18 1.82 -10.72
C TRP B 65 -11.76 2.86 -9.68
N TRP B 66 -11.07 3.92 -10.11
CA TRP B 66 -10.67 4.98 -9.19
C TRP B 66 -11.88 5.61 -8.53
N CYS B 67 -12.95 5.83 -9.29
CA CYS B 67 -14.10 6.51 -8.74
C CYS B 67 -14.85 5.65 -7.73
N VAL B 68 -14.93 4.32 -7.96
CA VAL B 68 -15.52 3.50 -6.89
C VAL B 68 -14.57 3.38 -5.70
N PHE B 69 -13.25 3.45 -5.92
CA PHE B 69 -12.32 3.49 -4.79
C PHE B 69 -12.57 4.72 -3.93
N TRP B 70 -12.56 5.90 -4.55
CA TRP B 70 -12.76 7.13 -3.80
C TRP B 70 -14.12 7.16 -3.15
N ASP B 71 -15.12 6.53 -3.77
CA ASP B 71 -16.43 6.41 -3.14
C ASP B 71 -16.34 5.59 -1.86
N LEU B 72 -15.73 4.41 -1.98
CA LEU B 72 -15.59 3.52 -0.81
C LEU B 72 -14.66 4.21 0.20
N TYR B 73 -13.93 5.22 -0.24
CA TYR B 73 -13.00 5.95 0.65
C TYR B 73 -13.82 6.55 1.78
N CYS B 74 -14.97 7.13 1.49
CA CYS B 74 -15.81 7.63 2.60
C CYS B 74 -16.74 6.53 3.14
N ALA B 75 -16.16 5.44 3.69
CA ALA B 75 -16.85 4.29 4.35
C ALA B 75 -16.97 4.61 5.85
N ALA B 76 -17.57 3.71 6.64
CA ALA B 76 -17.82 4.02 8.07
C ALA B 76 -16.53 4.36 8.83
N PRO B 77 -15.42 3.61 8.71
CA PRO B 77 -14.20 3.95 9.44
C PRO B 77 -13.64 5.31 9.00
N GLU B 78 -13.02 6.04 9.93
CA GLU B 78 -12.42 7.39 9.66
C GLU B 78 -13.47 8.42 9.22
N ARG B 79 -13.28 9.02 8.05
CA ARG B 79 -14.09 10.20 7.61
C ARG B 79 -15.60 9.92 7.62
N ARG B 80 -16.09 8.82 7.05
CA ARG B 80 -17.56 8.53 7.08
C ARG B 80 -18.36 9.74 6.58
N GLU B 81 -19.31 10.19 7.40
CA GLU B 81 -20.22 11.33 7.08
C GLU B 81 -19.53 12.66 7.39
N THR B 82 -18.45 12.98 6.70
CA THR B 82 -17.78 14.29 6.88
C THR B 82 -17.58 14.88 5.49
N CYS B 83 -17.39 14.00 4.51
CA CYS B 83 -17.18 14.38 3.11
C CYS B 83 -18.28 13.69 2.32
N GLU B 84 -18.78 14.31 1.24
CA GLU B 84 -19.87 13.71 0.44
C GLU B 84 -19.51 12.29 -0.01
N HIS B 85 -20.51 11.41 -0.10
CA HIS B 85 -20.22 10.01 -0.33
C HIS B 85 -21.49 9.34 -0.80
N SER B 86 -21.33 8.14 -1.34
CA SER B 86 -22.51 7.39 -1.72
C SER B 86 -23.16 6.77 -0.50
N SER B 87 -24.27 6.09 -0.75
CA SER B 87 -24.88 5.21 0.24
C SER B 87 -24.58 3.74 -0.04
N GLU B 88 -24.53 3.36 -1.31
CA GLU B 88 -24.18 1.97 -1.65
C GLU B 88 -22.78 1.61 -1.18
N ALA B 89 -21.84 2.57 -1.17
CA ALA B 89 -20.50 2.29 -0.67
C ALA B 89 -20.51 2.01 0.83
N LYS B 90 -21.11 2.92 1.61
CA LYS B 90 -21.22 2.72 3.05
C LYS B 90 -21.94 1.42 3.37
N ALA B 91 -22.88 1.01 2.51
CA ALA B 91 -23.56 -0.25 2.72
C ALA B 91 -22.63 -1.43 2.41
N PHE B 92 -21.82 -1.32 1.36
CA PHE B 92 -20.81 -2.34 1.08
C PHE B 92 -19.85 -2.51 2.24
N HIS B 93 -19.58 -1.43 2.97
CA HIS B 93 -18.69 -1.53 4.12
C HIS B 93 -19.39 -2.13 5.34
N ASP B 94 -20.42 -1.45 5.85
CA ASP B 94 -21.04 -1.85 7.10
C ASP B 94 -21.72 -3.21 6.99
N TYR B 95 -22.48 -3.43 5.94
CA TYR B 95 -23.23 -4.68 5.79
C TYR B 95 -22.55 -5.64 4.82
N ALA C 12 -24.63 9.69 -10.89
CA ALA C 12 -24.43 10.98 -10.25
C ALA C 12 -24.29 10.84 -8.75
N VAL C 13 -23.27 10.09 -8.31
CA VAL C 13 -22.99 9.94 -6.88
C VAL C 13 -22.32 11.21 -6.38
N PRO C 14 -22.54 11.63 -5.14
CA PRO C 14 -22.04 12.94 -4.69
C PRO C 14 -20.55 12.98 -4.34
N SER C 15 -19.82 11.89 -4.50
CA SER C 15 -18.37 11.91 -4.31
C SER C 15 -17.61 12.04 -5.62
N ASP C 16 -18.30 11.95 -6.76
CA ASP C 16 -17.62 12.00 -8.05
C ASP C 16 -17.02 13.37 -8.32
N SER C 17 -17.75 14.46 -8.01
CA SER C 17 -17.30 15.79 -8.36
C SER C 17 -15.92 16.13 -7.81
N GLN C 18 -15.47 15.43 -6.75
CA GLN C 18 -14.09 15.58 -6.31
C GLN C 18 -13.26 14.32 -6.54
N ALA C 19 -13.89 13.16 -6.77
CA ALA C 19 -13.12 12.00 -7.21
C ALA C 19 -12.44 12.27 -8.54
N ARG C 20 -13.16 12.87 -9.48
CA ARG C 20 -12.58 13.25 -10.77
C ARG C 20 -11.47 14.29 -10.60
N GLU C 21 -11.71 15.31 -9.76
CA GLU C 21 -10.71 16.34 -9.55
C GLU C 21 -9.43 15.76 -8.96
N LYS C 22 -9.57 14.86 -7.98
CA LYS C 22 -8.40 14.24 -7.39
C LYS C 22 -7.68 13.33 -8.39
N LEU C 23 -8.45 12.62 -9.23
CA LEU C 23 -7.79 11.81 -10.25
C LEU C 23 -7.01 12.68 -11.23
N ALA C 24 -7.60 13.81 -11.63
CA ALA C 24 -6.90 14.72 -12.53
C ALA C 24 -5.61 15.24 -11.91
N LEU C 25 -5.67 15.63 -10.63
CA LEU C 25 -4.48 16.17 -9.98
C LEU C 25 -3.41 15.09 -9.83
N TYR C 26 -3.80 13.88 -9.45
CA TYR C 26 -2.84 12.80 -9.31
C TYR C 26 -2.29 12.36 -10.67
N VAL C 27 -3.06 12.50 -11.75
CA VAL C 27 -2.55 12.17 -13.08
C VAL C 27 -1.56 13.22 -13.55
N TYR C 28 -1.84 14.50 -13.28
CA TYR C 28 -0.88 15.56 -13.57
C TYR C 28 0.42 15.31 -12.82
N GLU C 29 0.32 14.96 -11.53
CA GLU C 29 1.51 14.64 -10.74
C GLU C 29 2.22 13.41 -11.28
N TYR C 30 1.47 12.40 -11.71
CA TYR C 30 2.05 11.20 -12.31
C TYR C 30 2.87 11.55 -13.54
N LEU C 31 2.29 12.37 -14.42
CA LEU C 31 2.97 12.76 -15.65
C LEU C 31 4.21 13.60 -15.36
N LEU C 32 4.11 14.51 -14.38
CA LEU C 32 5.28 15.29 -14.01
C LEU C 32 6.41 14.41 -13.51
N HIS C 33 6.10 13.44 -12.65
CA HIS C 33 7.15 12.61 -12.06
C HIS C 33 7.64 11.51 -13.00
N VAL C 34 6.88 11.16 -14.04
CA VAL C 34 7.29 10.10 -14.96
C VAL C 34 8.17 10.61 -16.09
N GLY C 35 8.34 11.93 -16.21
CA GLY C 35 9.23 12.52 -17.18
C GLY C 35 8.57 13.15 -18.39
N ALA C 36 7.25 13.33 -18.36
CA ALA C 36 6.50 13.89 -19.48
C ALA C 36 6.02 15.28 -19.07
N GLN C 37 6.94 16.24 -19.10
CA GLN C 37 6.63 17.61 -18.68
C GLN C 37 5.59 18.25 -19.60
N LYS C 38 5.81 18.13 -20.90
CA LYS C 38 4.87 18.71 -21.87
C LYS C 38 3.50 18.04 -21.77
N SER C 39 3.48 16.72 -21.53
CA SER C 39 2.21 16.05 -21.28
C SER C 39 1.46 16.69 -20.13
N ALA C 40 2.17 17.01 -19.05
CA ALA C 40 1.54 17.60 -17.87
C ALA C 40 0.99 18.99 -18.17
N GLN C 41 1.81 19.83 -18.82
CA GLN C 41 1.36 21.19 -19.14
C GLN C 41 0.16 21.16 -20.09
N THR C 42 0.23 20.34 -21.13
CA THR C 42 -0.88 20.20 -22.06
C THR C 42 -2.11 19.64 -21.37
N PHE C 43 -1.93 18.75 -20.38
CA PHE C 43 -3.09 18.20 -19.68
C PHE C 43 -3.79 19.29 -18.88
N LEU C 44 -3.03 20.18 -18.25
CA LEU C 44 -3.68 21.21 -17.43
C LEU C 44 -4.30 22.31 -18.28
N SER C 45 -3.69 22.64 -19.43
CA SER C 45 -4.37 23.59 -20.30
C SER C 45 -5.59 22.96 -20.97
N GLU C 46 -5.52 21.65 -21.26
CA GLU C 46 -6.66 20.95 -21.82
C GLU C 46 -7.73 20.67 -20.76
N ILE C 47 -7.34 20.67 -19.49
CA ILE C 47 -8.31 20.65 -18.41
C ILE C 47 -8.60 22.05 -17.87
N ARG C 48 -7.85 23.05 -18.30
CA ARG C 48 -8.16 24.45 -18.03
C ARG C 48 -8.11 24.75 -16.54
N TRP C 49 -7.06 24.26 -15.90
CA TRP C 49 -6.94 24.44 -14.46
C TRP C 49 -6.32 25.79 -14.12
N GLU C 50 -6.90 26.45 -13.11
CA GLU C 50 -6.30 27.63 -12.50
C GLU C 50 -6.30 27.55 -10.97
N LYS C 51 -6.61 26.38 -10.41
CA LYS C 51 -6.24 26.12 -9.04
C LYS C 51 -4.71 26.16 -8.89
N ASN C 52 -4.26 26.33 -7.67
CA ASN C 52 -2.84 26.25 -7.40
C ASN C 52 -2.31 24.86 -7.78
N ILE C 53 -0.99 24.75 -7.84
CA ILE C 53 -0.32 23.47 -8.09
C ILE C 53 0.74 23.30 -7.02
N THR C 54 0.55 22.32 -6.16
CA THR C 54 1.46 22.00 -5.06
C THR C 54 2.10 20.65 -5.34
N LEU C 55 3.43 20.60 -5.30
CA LEU C 55 4.14 19.40 -5.71
C LEU C 55 3.89 18.25 -4.72
N GLY C 56 4.36 17.07 -5.10
CA GLY C 56 4.45 15.95 -4.20
C GLY C 56 5.84 15.34 -4.26
N GLU C 57 6.01 14.26 -3.49
CA GLU C 57 7.29 13.57 -3.50
C GLU C 57 7.25 12.40 -4.46
N PRO C 58 8.19 12.30 -5.40
CA PRO C 58 8.13 11.24 -6.42
C PRO C 58 8.40 9.88 -5.80
N PRO C 59 7.64 8.84 -6.19
CA PRO C 59 6.51 8.90 -7.12
C PRO C 59 5.21 9.31 -6.44
N GLY C 60 4.27 9.84 -7.23
CA GLY C 60 3.08 10.46 -6.69
C GLY C 60 2.07 9.46 -6.12
N PHE C 61 0.90 10.00 -5.76
CA PHE C 61 -0.15 9.19 -5.15
C PHE C 61 -0.72 8.19 -6.14
N LEU C 62 -0.94 8.60 -7.38
CA LEU C 62 -1.52 7.69 -8.37
C LEU C 62 -0.66 6.43 -8.54
N HIS C 63 0.67 6.58 -8.51
CA HIS C 63 1.55 5.44 -8.69
C HIS C 63 1.44 4.46 -7.53
N SER C 64 1.56 4.97 -6.29
CA SER C 64 1.48 4.13 -5.10
C SER C 64 0.13 3.45 -4.98
N TRP C 65 -0.94 4.16 -5.38
CA TRP C 65 -2.26 3.55 -5.41
C TRP C 65 -2.36 2.47 -6.48
N TRP C 66 -1.76 2.70 -7.65
CA TRP C 66 -1.88 1.73 -8.73
C TRP C 66 -1.15 0.45 -8.40
N CYS C 67 -0.02 0.53 -7.69
CA CYS C 67 0.71 -0.69 -7.34
C CYS C 67 -0.17 -1.62 -6.52
N VAL C 68 -0.76 -1.08 -5.44
CA VAL C 68 -1.65 -1.87 -4.59
C VAL C 68 -2.83 -2.40 -5.41
N PHE C 69 -3.47 -1.52 -6.19
CA PHE C 69 -4.65 -1.93 -6.94
C PHE C 69 -4.32 -3.04 -7.93
N TRP C 70 -3.19 -2.96 -8.61
CA TRP C 70 -2.91 -3.92 -9.67
C TRP C 70 -2.45 -5.25 -9.10
N ASP C 71 -1.64 -5.22 -8.03
CA ASP C 71 -1.37 -6.46 -7.31
C ASP C 71 -2.66 -7.15 -6.91
N LEU C 72 -3.64 -6.38 -6.41
CA LEU C 72 -4.93 -6.95 -6.08
C LEU C 72 -5.67 -7.47 -7.31
N TYR C 73 -5.75 -6.66 -8.39
CA TYR C 73 -6.57 -7.03 -9.54
C TYR C 73 -6.09 -8.32 -10.16
N CYS C 74 -4.77 -8.43 -10.40
CA CYS C 74 -4.20 -9.68 -10.88
C CYS C 74 -4.41 -10.83 -9.92
N ALA C 75 -4.34 -10.56 -8.63
CA ALA C 75 -4.49 -11.70 -7.71
C ALA C 75 -5.94 -12.13 -7.61
N ALA C 76 -6.88 -11.25 -7.95
CA ALA C 76 -8.29 -11.61 -7.81
C ALA C 76 -8.62 -12.79 -8.73
N PRO C 77 -9.29 -13.84 -8.22
CA PRO C 77 -9.62 -15.00 -9.01
C PRO C 77 -10.92 -14.79 -9.79
N GLU C 78 -11.13 -15.59 -10.82
CA GLU C 78 -12.33 -15.57 -11.71
C GLU C 78 -13.61 -15.30 -10.91
#